data_4Y0Z
#
_entry.id   4Y0Z
#
_cell.length_a   74.907
_cell.length_b   82.299
_cell.length_c   123.352
_cell.angle_alpha   90.00
_cell.angle_beta   90.00
_cell.angle_gamma   90.00
#
_symmetry.space_group_name_H-M   'I 2 2 2'
#
loop_
_entity.id
_entity.type
_entity.pdbx_description
1 polymer 'Cationic trypsin'
2 polymer 'Pancreatic trypsin inhibitor'
3 non-polymer 'SULFATE ION'
4 non-polymer 'CALCIUM ION'
5 non-polymer GLYCEROL
6 water water
#
loop_
_entity_poly.entity_id
_entity_poly.type
_entity_poly.pdbx_seq_one_letter_code
_entity_poly.pdbx_strand_id
1 'polypeptide(L)'
;IVGGYTCGANTVPYQVSLNSGYHFCGGSLINSQWVVSAAHCYKSGIQVRLGEDNINVVEGNEQFISASKSIVHPSYNSNT
LNNDIMLIKLKSAASLNSRVASISLPTSCASAGTQCLISGWGNTKSSGTSYPDVLKCLKAPILSDSSCKSAYPGQITSNM
FCAGYLEGGKDSCQGDSGGPVVCSGKLQGIVSWGSGCAQKNKPGVYTKVCNYVSWIKQTIASN
;
E
2 'polypeptide(L)' RPDFCLEPPYTGPC(ABA)ARIIRYFYNAKAGLCQTFVYGGCRAKRNNFKSAEDCMRTCGGA I
#
loop_
_chem_comp.id
_chem_comp.type
_chem_comp.name
_chem_comp.formula
CA non-polymer 'CALCIUM ION' 'Ca 2'
GOL non-polymer GLYCEROL 'C3 H8 O3'
SO4 non-polymer 'SULFATE ION' 'O4 S -2'
#
# COMPACT_ATOMS: atom_id res chain seq x y z
N ILE A 1 4.83 -3.25 8.54
CA ILE A 1 4.09 -2.97 9.79
C ILE A 1 5.08 -2.82 10.93
N VAL A 2 5.03 -1.66 11.60
CA VAL A 2 5.89 -1.39 12.75
C VAL A 2 5.08 -1.56 14.03
N GLY A 3 5.64 -2.25 15.01
CA GLY A 3 4.98 -2.41 16.29
C GLY A 3 3.88 -3.46 16.34
N GLY A 4 3.81 -4.29 15.32
CA GLY A 4 2.81 -5.32 15.21
C GLY A 4 3.29 -6.68 15.69
N TYR A 5 2.66 -7.71 15.17
CA TYR A 5 2.91 -9.07 15.59
C TYR A 5 2.76 -10.02 14.42
N THR A 6 3.36 -11.21 14.53
CA THR A 6 3.22 -12.22 13.49
C THR A 6 1.78 -12.73 13.45
N CYS A 7 1.12 -12.60 12.31
CA CYS A 7 -0.28 -12.98 12.16
C CYS A 7 -0.49 -14.47 12.46
N GLY A 8 0.39 -15.30 11.90
CA GLY A 8 0.17 -16.73 11.82
C GLY A 8 -0.24 -17.09 10.41
N ALA A 9 0.24 -18.23 9.90
CA ALA A 9 0.07 -18.55 8.49
C ALA A 9 -1.39 -18.60 8.07
N ASN A 10 -1.72 -17.78 7.08
CA ASN A 10 -3.02 -17.80 6.43
C ASN A 10 -4.18 -17.40 7.34
N THR A 11 -3.88 -16.69 8.43
CA THR A 11 -4.91 -16.17 9.34
C THR A 11 -5.61 -14.91 8.81
N VAL A 12 -5.08 -14.34 7.74
CA VAL A 12 -5.63 -13.16 7.07
C VAL A 12 -5.79 -13.56 5.60
N PRO A 13 -6.80 -14.38 5.31
CA PRO A 13 -6.83 -15.09 4.01
C PRO A 13 -7.17 -14.23 2.79
N TYR A 14 -7.58 -12.98 3.05
CA TYR A 14 -7.90 -12.00 2.01
C TYR A 14 -6.67 -11.15 1.65
N GLN A 15 -5.60 -11.27 2.41
CA GLN A 15 -4.38 -10.52 2.13
C GLN A 15 -3.62 -11.11 0.95
N VAL A 16 -3.34 -10.27 -0.04
CA VAL A 16 -2.49 -10.68 -1.16
C VAL A 16 -1.21 -9.84 -1.21
N SER A 17 -0.22 -10.36 -1.92
CA SER A 17 1.00 -9.63 -2.24
C SER A 17 0.98 -9.32 -3.73
N LEU A 18 1.34 -8.09 -4.08
CA LEU A 18 1.55 -7.71 -5.47
C LEU A 18 3.03 -7.82 -5.77
N ASN A 19 3.35 -8.58 -6.82
CA ASN A 19 4.72 -8.91 -7.14
C ASN A 19 5.09 -8.47 -8.56
N SER A 20 6.23 -7.79 -8.68
CA SER A 20 6.77 -7.42 -9.97
CA SER A 20 6.77 -7.42 -9.98
C SER A 20 8.22 -7.87 -10.04
N GLY A 21 8.43 -9.14 -9.69
CA GLY A 21 9.75 -9.70 -9.52
C GLY A 21 10.23 -9.63 -8.08
N TYR A 22 9.40 -9.01 -7.23
CA TYR A 22 9.63 -8.86 -5.79
C TYR A 22 8.33 -8.27 -5.25
N HIS A 23 8.12 -8.41 -3.96
CA HIS A 23 6.94 -7.84 -3.30
C HIS A 23 7.04 -6.31 -3.24
N PHE A 24 6.04 -5.59 -3.78
CA PHE A 24 6.09 -4.12 -3.72
C PHE A 24 4.86 -3.47 -3.09
N CYS A 25 3.74 -4.19 -2.96
CA CYS A 25 2.50 -3.65 -2.39
C CYS A 25 1.65 -4.83 -1.93
N GLY A 26 0.69 -4.55 -1.06
CA GLY A 26 -0.34 -5.49 -0.70
C GLY A 26 -1.64 -5.22 -1.46
N GLY A 27 -2.65 -6.01 -1.16
CA GLY A 27 -4.00 -5.84 -1.69
C GLY A 27 -4.92 -6.74 -0.92
N SER A 28 -6.22 -6.62 -1.22
CA SER A 28 -7.26 -7.38 -0.54
CA SER A 28 -7.24 -7.40 -0.55
C SER A 28 -8.16 -8.06 -1.57
N LEU A 29 -8.35 -9.36 -1.42
CA LEU A 29 -9.22 -10.13 -2.30
C LEU A 29 -10.68 -9.83 -1.96
N ILE A 30 -11.47 -9.39 -2.94
CA ILE A 30 -12.87 -9.09 -2.69
C ILE A 30 -13.85 -10.04 -3.39
N ASN A 31 -13.37 -10.78 -4.39
CA ASN A 31 -14.09 -11.95 -4.90
C ASN A 31 -13.05 -12.81 -5.60
N SER A 32 -13.47 -13.92 -6.22
CA SER A 32 -12.47 -14.86 -6.75
C SER A 32 -11.67 -14.28 -7.92
N GLN A 33 -12.13 -13.17 -8.49
CA GLN A 33 -11.45 -12.57 -9.65
C GLN A 33 -10.94 -11.15 -9.47
N TRP A 34 -11.14 -10.57 -8.29
CA TRP A 34 -10.82 -9.15 -8.12
C TRP A 34 -10.17 -8.81 -6.79
N VAL A 35 -9.16 -7.94 -6.87
CA VAL A 35 -8.42 -7.43 -5.73
C VAL A 35 -8.51 -5.92 -5.68
N VAL A 36 -8.61 -5.38 -4.47
CA VAL A 36 -8.51 -3.94 -4.33
CA VAL A 36 -8.55 -3.94 -4.21
C VAL A 36 -7.15 -3.59 -3.71
N SER A 37 -6.57 -2.52 -4.24
CA SER A 37 -5.27 -2.04 -3.79
C SER A 37 -5.25 -0.51 -3.92
N ALA A 38 -4.08 0.09 -3.80
CA ALA A 38 -3.92 1.54 -3.93
C ALA A 38 -3.58 1.92 -5.37
N ALA A 39 -4.05 3.09 -5.81
CA ALA A 39 -3.73 3.59 -7.12
C ALA A 39 -2.22 3.80 -7.32
N HIS A 40 -1.51 4.22 -6.26
CA HIS A 40 -0.07 4.43 -6.40
C HIS A 40 0.72 3.11 -6.51
N CYS A 41 0.04 1.97 -6.35
CA CYS A 41 0.63 0.66 -6.60
C CYS A 41 0.48 0.21 -8.04
N TYR A 42 -0.08 1.04 -8.90
CA TYR A 42 -0.17 0.67 -10.32
C TYR A 42 1.23 0.38 -10.92
N LYS A 43 1.31 -0.76 -11.60
CA LYS A 43 2.45 -1.16 -12.44
C LYS A 43 1.85 -2.06 -13.52
N SER A 44 2.46 -2.06 -14.70
CA SER A 44 2.14 -3.10 -15.68
CA SER A 44 2.19 -3.09 -15.70
C SER A 44 2.81 -4.42 -15.24
N GLY A 45 2.25 -5.55 -15.68
CA GLY A 45 2.85 -6.84 -15.36
C GLY A 45 2.78 -7.33 -13.92
N ILE A 46 1.79 -6.87 -13.17
CA ILE A 46 1.62 -7.37 -11.82
C ILE A 46 1.22 -8.85 -11.79
N GLN A 47 1.85 -9.57 -10.86
CA GLN A 47 1.44 -10.92 -10.47
C GLN A 47 0.90 -10.86 -9.05
N VAL A 48 -0.31 -11.37 -8.87
CA VAL A 48 -0.93 -11.43 -7.55
C VAL A 48 -0.60 -12.76 -6.88
N ARG A 49 -0.11 -12.69 -5.65
CA ARG A 49 0.22 -13.90 -4.92
C ARG A 49 -0.73 -14.04 -3.73
N LEU A 50 -1.53 -15.10 -3.78
CA LEU A 50 -2.56 -15.39 -2.81
C LEU A 50 -2.13 -16.56 -1.96
N GLY A 51 -2.67 -16.67 -0.75
CA GLY A 51 -2.34 -17.80 0.10
C GLY A 51 -0.93 -17.76 0.68
N GLU A 52 -0.30 -16.59 0.67
CA GLU A 52 1.07 -16.41 1.16
C GLU A 52 1.16 -16.24 2.65
N ASP A 53 2.21 -16.81 3.22
CA ASP A 53 2.67 -16.42 4.54
C ASP A 53 4.11 -15.97 4.45
N ASN A 54 5.03 -16.92 4.32
CA ASN A 54 6.41 -16.56 4.07
C ASN A 54 6.54 -16.17 2.62
N ILE A 55 6.74 -14.89 2.32
CA ILE A 55 6.77 -14.49 0.89
CA ILE A 55 6.78 -14.46 0.92
C ILE A 55 8.09 -14.83 0.19
N ASN A 56 9.09 -15.29 0.94
CA ASN A 56 10.38 -15.66 0.35
C ASN A 56 10.50 -17.17 0.13
N VAL A 57 9.46 -17.89 0.54
CA VAL A 57 9.31 -19.32 0.36
C VAL A 57 7.84 -19.78 -0.05
N VAL A 58 8.04 -20.67 -1.06
CA VAL A 58 7.02 -21.64 -1.53
C VAL A 58 6.71 -22.71 -0.45
N GLU A 59 5.58 -22.52 0.24
CA GLU A 59 5.19 -23.32 1.42
C GLU A 59 4.04 -24.29 1.18
N GLY A 60 3.25 -24.09 0.12
CA GLY A 60 2.29 -25.11 -0.27
C GLY A 60 0.84 -24.68 -0.49
N ASN A 61 0.51 -23.44 -0.15
CA ASN A 61 -0.86 -22.99 -0.32
C ASN A 61 -0.94 -21.81 -1.24
N GLU A 62 0.17 -21.48 -1.90
CA GLU A 62 0.15 -20.30 -2.75
C GLU A 62 -0.61 -20.51 -4.04
N GLN A 63 -1.22 -19.42 -4.51
CA GLN A 63 -1.66 -19.31 -5.89
C GLN A 63 -1.07 -18.04 -6.45
N PHE A 64 -0.41 -18.15 -7.59
CA PHE A 64 0.22 -17.03 -8.28
C PHE A 64 -0.60 -16.82 -9.55
N ILE A 65 -1.24 -15.66 -9.69
CA ILE A 65 -2.15 -15.39 -10.80
C ILE A 65 -1.85 -13.99 -11.32
N SER A 66 -1.60 -13.86 -12.61
CA SER A 66 -1.28 -12.56 -13.20
C SER A 66 -2.52 -11.68 -13.23
N ALA A 67 -2.30 -10.38 -13.12
CA ALA A 67 -3.33 -9.40 -13.37
C ALA A 67 -3.67 -9.37 -14.84
N SER A 68 -4.96 -9.38 -15.15
CA SER A 68 -5.42 -9.10 -16.52
C SER A 68 -5.86 -7.68 -16.73
N LYS A 69 -6.22 -6.98 -15.66
CA LYS A 69 -6.57 -5.56 -15.71
C LYS A 69 -6.14 -4.93 -14.42
N SER A 70 -5.61 -3.72 -14.48
N SER A 70 -5.62 -3.70 -14.48
CA SER A 70 -5.26 -2.98 -13.28
CA SER A 70 -5.23 -2.95 -13.28
C SER A 70 -5.83 -1.60 -13.52
C SER A 70 -5.75 -1.51 -13.37
N ILE A 71 -6.96 -1.32 -12.85
CA ILE A 71 -7.78 -0.15 -13.10
C ILE A 71 -7.70 0.87 -11.95
N VAL A 72 -7.00 1.96 -12.22
CA VAL A 72 -6.87 3.05 -11.27
C VAL A 72 -8.13 3.89 -11.26
N HIS A 73 -8.51 4.39 -10.10
CA HIS A 73 -9.68 5.25 -10.03
C HIS A 73 -9.51 6.40 -11.02
N PRO A 74 -10.55 6.72 -11.79
CA PRO A 74 -10.40 7.73 -12.86
C PRO A 74 -10.11 9.15 -12.33
N SER A 75 -10.36 9.38 -11.04
CA SER A 75 -10.05 10.66 -10.43
C SER A 75 -8.86 10.63 -9.48
N TYR A 76 -8.05 9.57 -9.54
CA TYR A 76 -6.84 9.56 -8.72
C TYR A 76 -5.99 10.79 -9.05
N ASN A 77 -5.55 11.50 -8.02
CA ASN A 77 -4.70 12.66 -8.17
C ASN A 77 -3.36 12.31 -7.55
N SER A 78 -2.34 12.22 -8.39
CA SER A 78 -1.04 11.77 -7.94
C SER A 78 -0.24 12.82 -7.16
N ASN A 79 -0.80 14.03 -7.03
CA ASN A 79 -0.20 15.06 -6.19
CA ASN A 79 -0.20 15.06 -6.19
C ASN A 79 -0.86 15.10 -4.81
N THR A 80 -2.18 15.14 -4.77
CA THR A 80 -2.88 15.24 -3.48
C THR A 80 -3.17 13.88 -2.85
N LEU A 81 -3.07 12.83 -3.66
CA LEU A 81 -3.31 11.44 -3.28
C LEU A 81 -4.78 11.13 -3.06
N ASN A 82 -5.65 12.05 -3.49
CA ASN A 82 -7.09 11.82 -3.42
C ASN A 82 -7.50 10.67 -4.36
N ASN A 83 -8.46 9.86 -3.90
CA ASN A 83 -8.97 8.71 -4.68
C ASN A 83 -7.90 7.64 -4.93
N ASP A 84 -7.14 7.32 -3.90
CA ASP A 84 -6.03 6.36 -3.99
C ASP A 84 -6.54 4.93 -3.89
N ILE A 85 -7.16 4.47 -4.97
CA ILE A 85 -7.72 3.14 -5.03
C ILE A 85 -7.57 2.60 -6.44
N MET A 86 -7.37 1.28 -6.52
CA MET A 86 -7.18 0.56 -7.78
C MET A 86 -7.82 -0.80 -7.67
N LEU A 87 -8.42 -1.27 -8.75
CA LEU A 87 -8.99 -2.61 -8.83
C LEU A 87 -8.18 -3.45 -9.78
N ILE A 88 -7.79 -4.65 -9.36
CA ILE A 88 -7.03 -5.56 -10.19
C ILE A 88 -7.89 -6.76 -10.48
N LYS A 89 -8.05 -7.09 -11.77
CA LYS A 89 -8.73 -8.29 -12.18
C LYS A 89 -7.68 -9.40 -12.35
N LEU A 90 -7.99 -10.60 -11.87
CA LEU A 90 -7.13 -11.75 -12.02
C LEU A 90 -7.41 -12.44 -13.35
N LYS A 91 -6.34 -12.87 -14.02
CA LYS A 91 -6.48 -13.48 -15.33
C LYS A 91 -7.25 -14.79 -15.32
N SER A 92 -7.21 -15.48 -14.18
CA SER A 92 -8.09 -16.63 -13.94
CA SER A 92 -8.07 -16.65 -13.95
C SER A 92 -8.60 -16.52 -12.52
N ALA A 93 -9.74 -17.12 -12.23
CA ALA A 93 -10.31 -17.01 -10.90
C ALA A 93 -9.48 -17.80 -9.90
N ALA A 94 -9.24 -17.19 -8.75
CA ALA A 94 -8.63 -17.91 -7.64
C ALA A 94 -9.52 -19.03 -7.14
N SER A 95 -8.89 -20.09 -6.65
CA SER A 95 -9.58 -21.17 -5.99
CA SER A 95 -9.59 -21.17 -5.99
C SER A 95 -9.77 -20.77 -4.53
N LEU A 96 -11.00 -20.58 -4.11
CA LEU A 96 -11.24 -20.14 -2.75
C LEU A 96 -11.24 -21.33 -1.80
N ASN A 97 -10.62 -21.14 -0.65
CA ASN A 97 -10.47 -22.20 0.35
C ASN A 97 -10.21 -21.53 1.69
N SER A 98 -9.83 -22.30 2.69
CA SER A 98 -9.71 -21.70 4.02
C SER A 98 -8.57 -20.68 4.09
N ARG A 99 -7.62 -20.79 3.17
CA ARG A 99 -6.40 -19.96 3.20
CA ARG A 99 -6.41 -19.95 3.21
C ARG A 99 -6.44 -18.84 2.16
N VAL A 100 -7.46 -18.89 1.29
CA VAL A 100 -7.65 -17.88 0.24
C VAL A 100 -9.14 -17.55 0.21
N ALA A 101 -9.50 -16.37 0.72
CA ALA A 101 -10.90 -16.03 0.96
C ALA A 101 -11.08 -14.53 0.75
N SER A 102 -12.28 -14.15 0.33
CA SER A 102 -12.57 -12.73 0.12
C SER A 102 -12.98 -12.03 1.41
N ILE A 103 -12.83 -10.71 1.40
CA ILE A 103 -13.29 -9.86 2.49
C ILE A 103 -14.46 -9.02 1.99
N SER A 104 -15.45 -8.85 2.85
N SER A 104 -15.44 -8.82 2.85
CA SER A 104 -16.64 -8.06 2.51
CA SER A 104 -16.65 -8.08 2.52
C SER A 104 -16.34 -6.57 2.42
C SER A 104 -16.45 -6.57 2.50
N LEU A 105 -17.03 -5.91 1.50
CA LEU A 105 -17.06 -4.45 1.45
C LEU A 105 -18.00 -3.91 2.53
N PRO A 106 -17.75 -2.68 2.99
CA PRO A 106 -18.59 -2.12 4.04
C PRO A 106 -19.97 -1.76 3.54
N THR A 107 -20.92 -1.78 4.46
CA THR A 107 -22.25 -1.25 4.20
C THR A 107 -22.40 0.19 4.72
N SER A 108 -21.54 0.59 5.66
CA SER A 108 -21.52 1.97 6.14
C SER A 108 -20.12 2.30 6.61
N CYS A 109 -19.85 3.59 6.77
CA CYS A 109 -18.52 4.02 7.20
C CYS A 109 -18.32 3.69 8.67
N ALA A 110 -17.07 3.55 9.09
CA ALA A 110 -16.73 3.24 10.47
C ALA A 110 -16.46 4.52 11.24
N SER A 111 -16.67 4.49 12.54
CA SER A 111 -16.53 5.69 13.37
C SER A 111 -15.16 5.75 14.05
N ALA A 112 -14.75 6.96 14.44
CA ALA A 112 -13.58 7.13 15.28
C ALA A 112 -13.63 6.20 16.48
N GLY A 113 -12.49 5.58 16.75
CA GLY A 113 -12.34 4.67 17.86
C GLY A 113 -12.57 3.20 17.53
N THR A 114 -13.15 2.93 16.36
CA THR A 114 -13.36 1.56 15.92
C THR A 114 -12.01 0.87 15.74
N GLN A 115 -11.85 -0.32 16.32
CA GLN A 115 -10.59 -1.04 16.26
C GLN A 115 -10.56 -1.89 14.98
N CYS A 116 -9.42 -1.83 14.29
CA CYS A 116 -9.24 -2.48 13.02
C CYS A 116 -7.97 -3.29 13.01
N LEU A 117 -7.88 -4.16 12.00
CA LEU A 117 -6.71 -4.99 11.75
C LEU A 117 -6.07 -4.55 10.46
N ILE A 118 -4.80 -4.16 10.56
CA ILE A 118 -3.99 -3.73 9.43
C ILE A 118 -2.88 -4.77 9.25
N SER A 119 -2.59 -5.17 8.03
CA SER A 119 -1.62 -6.23 7.79
C SER A 119 -0.78 -5.99 6.55
N GLY A 120 0.42 -6.57 6.54
CA GLY A 120 1.28 -6.47 5.38
C GLY A 120 2.70 -7.00 5.62
N TRP A 121 3.49 -6.98 4.56
CA TRP A 121 4.88 -7.44 4.55
C TRP A 121 5.84 -6.27 4.44
N GLY A 122 5.39 -5.10 4.85
CA GLY A 122 6.23 -3.92 4.85
C GLY A 122 7.27 -3.84 5.95
N ASN A 123 8.08 -2.80 5.86
CA ASN A 123 9.17 -2.57 6.82
C ASN A 123 8.61 -2.61 8.25
N THR A 124 9.39 -3.21 9.14
CA THR A 124 9.03 -3.34 10.56
C THR A 124 9.79 -2.37 11.47
N LYS A 125 10.65 -1.54 10.91
CA LYS A 125 11.41 -0.58 11.71
C LYS A 125 10.99 0.86 11.43
N SER A 126 10.90 1.65 12.49
CA SER A 126 10.55 3.08 12.38
C SER A 126 11.78 3.88 11.97
N SER A 127 12.95 3.36 12.34
CA SER A 127 14.22 3.92 11.91
CA SER A 127 14.22 3.92 11.91
C SER A 127 15.03 2.77 11.37
N GLY A 128 15.36 2.82 10.09
CA GLY A 128 16.09 1.74 9.49
C GLY A 128 15.15 0.89 8.69
N THR A 129 15.63 -0.29 8.32
CA THR A 129 14.95 -1.14 7.36
CA THR A 129 14.97 -1.13 7.33
C THR A 129 15.07 -2.62 7.71
N SER A 130 13.93 -3.26 7.92
CA SER A 130 13.90 -4.71 8.10
C SER A 130 12.57 -5.18 7.52
N TYR A 131 12.66 -5.99 6.49
CA TYR A 131 11.49 -6.55 5.82
C TYR A 131 11.27 -7.98 6.30
N PRO A 132 10.03 -8.31 6.69
CA PRO A 132 9.75 -9.63 7.28
C PRO A 132 9.60 -10.71 6.23
N ASP A 133 9.84 -11.95 6.60
CA ASP A 133 9.48 -13.07 5.76
C ASP A 133 7.98 -13.31 5.82
N VAL A 134 7.41 -13.27 7.03
CA VAL A 134 6.01 -13.66 7.23
C VAL A 134 5.11 -12.45 7.43
N LEU A 135 3.82 -12.67 7.26
CA LEU A 135 2.86 -11.57 7.36
C LEU A 135 2.77 -11.01 8.78
N LYS A 136 2.72 -9.69 8.88
CA LYS A 136 2.59 -9.00 10.15
C LYS A 136 1.24 -8.30 10.23
N CYS A 137 0.76 -8.14 11.46
CA CYS A 137 -0.58 -7.65 11.81
C CYS A 137 -0.43 -6.57 12.85
N LEU A 138 -1.39 -5.66 12.87
CA LEU A 138 -1.46 -4.60 13.87
C LEU A 138 -2.92 -4.28 14.15
N LYS A 139 -3.30 -4.19 15.43
CA LYS A 139 -4.61 -3.67 15.79
C LYS A 139 -4.47 -2.18 16.06
N ALA A 140 -5.33 -1.36 15.45
CA ALA A 140 -5.23 0.11 15.60
C ALA A 140 -6.60 0.71 15.43
N PRO A 141 -6.86 1.83 16.10
CA PRO A 141 -8.17 2.50 16.00
C PRO A 141 -8.19 3.56 14.89
N ILE A 142 -9.37 3.67 14.28
CA ILE A 142 -9.72 4.79 13.42
CA ILE A 142 -9.65 4.80 13.41
C ILE A 142 -9.64 6.05 14.28
N LEU A 143 -9.03 7.11 13.75
CA LEU A 143 -9.00 8.41 14.44
C LEU A 143 -9.99 9.40 13.83
N SER A 144 -10.35 10.42 14.61
CA SER A 144 -11.30 11.44 14.16
C SER A 144 -10.74 12.24 12.99
N ASP A 145 -11.64 12.70 12.13
CA ASP A 145 -11.27 13.58 11.04
CA ASP A 145 -11.24 13.57 11.05
C ASP A 145 -10.57 14.83 11.58
N SER A 146 -11.06 15.35 12.71
N SER A 146 -11.06 15.37 12.70
N SER A 146 -11.04 15.35 12.72
CA SER A 146 -10.44 16.53 13.29
CA SER A 146 -10.42 16.55 13.26
CA SER A 146 -10.43 16.56 13.28
C SER A 146 -8.98 16.28 13.64
C SER A 146 -8.96 16.28 13.65
C SER A 146 -8.98 16.32 13.71
N SER A 147 -8.71 15.15 14.29
CA SER A 147 -7.33 14.84 14.70
C SER A 147 -6.45 14.57 13.48
N CYS A 148 -7.03 13.95 12.45
CA CYS A 148 -6.30 13.67 11.23
C CYS A 148 -5.88 14.99 10.54
N LYS A 149 -6.81 15.94 10.46
CA LYS A 149 -6.52 17.23 9.86
C LYS A 149 -5.50 18.03 10.66
N SER A 150 -5.55 17.90 11.98
CA SER A 150 -4.58 18.55 12.83
CA SER A 150 -4.58 18.53 12.85
C SER A 150 -3.18 17.98 12.60
N ALA A 151 -3.10 16.67 12.38
CA ALA A 151 -1.80 16.03 12.15
C ALA A 151 -1.23 16.42 10.79
N TYR A 152 -2.11 16.58 9.80
CA TYR A 152 -1.71 16.84 8.42
C TYR A 152 -2.52 18.01 7.82
N PRO A 153 -2.20 19.25 8.24
N PRO A 153 -2.20 19.25 8.24
CA PRO A 153 -2.98 20.41 7.80
CA PRO A 153 -2.98 20.41 7.80
C PRO A 153 -2.98 20.56 6.28
C PRO A 153 -2.98 20.56 6.28
N GLY A 154 -4.16 20.78 5.73
CA GLY A 154 -4.32 21.01 4.31
C GLY A 154 -4.24 19.78 3.41
N GLN A 155 -4.07 18.59 4.00
CA GLN A 155 -3.75 17.39 3.23
C GLN A 155 -4.79 16.29 3.24
N ILE A 156 -5.76 16.36 4.13
CA ILE A 156 -6.70 15.26 4.31
C ILE A 156 -8.00 15.58 3.58
N THR A 157 -8.34 14.75 2.61
CA THR A 157 -9.58 14.91 1.87
C THR A 157 -10.68 14.06 2.48
N SER A 158 -11.90 14.22 1.96
CA SER A 158 -13.03 13.43 2.44
C SER A 158 -12.89 11.95 2.16
N ASN A 159 -11.90 11.57 1.35
CA ASN A 159 -11.69 10.18 0.99
C ASN A 159 -10.51 9.53 1.71
N MET A 160 -10.07 10.15 2.81
CA MET A 160 -8.97 9.68 3.62
C MET A 160 -9.38 9.62 5.09
N PHE A 161 -8.79 8.69 5.84
CA PHE A 161 -8.87 8.72 7.29
C PHE A 161 -7.55 8.30 7.90
N CYS A 162 -7.32 8.76 9.11
CA CYS A 162 -6.16 8.34 9.88
C CYS A 162 -6.51 7.16 10.81
N ALA A 163 -5.52 6.33 11.09
CA ALA A 163 -5.67 5.27 12.07
C ALA A 163 -4.31 5.09 12.72
N GLY A 164 -4.32 4.68 13.99
CA GLY A 164 -3.08 4.45 14.70
C GLY A 164 -3.03 5.07 16.07
N TYR A 165 -1.80 5.39 16.49
CA TYR A 165 -1.50 5.82 17.85
C TYR A 165 -0.62 7.04 17.81
N LEU A 166 -1.12 8.13 18.40
CA LEU A 166 -0.41 9.39 18.36
C LEU A 166 0.91 9.38 19.12
N GLU A 167 1.08 8.46 20.06
CA GLU A 167 2.35 8.41 20.81
C GLU A 167 3.49 7.82 19.99
N GLY A 168 3.16 7.20 18.86
CA GLY A 168 4.14 6.57 18.00
C GLY A 168 4.34 5.11 18.33
N GLY A 169 5.11 4.45 17.48
CA GLY A 169 5.51 3.07 17.72
C GLY A 169 4.74 1.99 16.97
N LYS A 170 3.59 2.33 16.40
CA LYS A 170 2.70 1.35 15.75
C LYS A 170 2.14 1.98 14.50
N ASP A 171 2.43 1.43 13.32
CA ASP A 171 2.00 2.03 12.06
C ASP A 171 2.22 1.08 10.90
N SER A 172 1.63 1.42 9.76
CA SER A 172 1.98 0.80 8.48
C SER A 172 3.24 1.51 7.93
N CYS A 173 3.96 0.86 7.01
CA CYS A 173 5.21 1.39 6.51
C CYS A 173 5.46 0.89 5.08
N GLN A 174 6.59 1.26 4.47
CA GLN A 174 6.85 0.94 3.08
C GLN A 174 6.81 -0.55 2.84
N GLY A 175 5.98 -0.92 1.84
CA GLY A 175 5.67 -2.28 1.50
C GLY A 175 4.28 -2.71 1.94
N ASP A 176 3.63 -1.93 2.80
CA ASP A 176 2.27 -2.22 3.24
C ASP A 176 1.18 -1.63 2.33
N SER A 177 1.53 -0.62 1.52
CA SER A 177 0.56 0.06 0.66
C SER A 177 -0.33 -0.88 -0.08
N GLY A 178 -1.58 -0.49 -0.22
CA GLY A 178 -2.56 -1.27 -0.96
C GLY A 178 -3.24 -2.30 -0.13
N GLY A 179 -2.67 -2.63 1.03
CA GLY A 179 -3.22 -3.66 1.87
C GLY A 179 -4.41 -3.22 2.71
N PRO A 180 -4.95 -4.16 3.47
CA PRO A 180 -6.25 -4.00 4.13
C PRO A 180 -6.18 -3.29 5.48
N VAL A 181 -7.24 -2.53 5.74
CA VAL A 181 -7.65 -2.10 7.10
C VAL A 181 -9.05 -2.68 7.28
N VAL A 182 -9.19 -3.70 8.13
CA VAL A 182 -10.46 -4.42 8.28
C VAL A 182 -11.01 -4.16 9.68
N CYS A 183 -12.29 -3.80 9.72
CA CYS A 183 -12.95 -3.43 10.96
C CYS A 183 -14.22 -4.22 11.01
N SER A 184 -14.38 -5.06 12.03
CA SER A 184 -15.61 -5.85 12.20
C SER A 184 -15.96 -6.61 10.91
N GLY A 185 -14.93 -7.19 10.29
CA GLY A 185 -15.10 -8.03 9.12
C GLY A 185 -15.36 -7.31 7.81
N LYS A 186 -15.17 -6.00 7.79
CA LYS A 186 -15.40 -5.23 6.57
C LYS A 186 -14.14 -4.49 6.18
N LEU A 187 -13.86 -4.42 4.89
CA LEU A 187 -12.71 -3.67 4.39
C LEU A 187 -13.00 -2.15 4.40
N GLN A 188 -12.53 -1.44 5.44
CA GLN A 188 -12.81 -0.01 5.55
C GLN A 188 -11.67 0.87 5.01
N GLY A 189 -10.47 0.33 4.92
CA GLY A 189 -9.35 1.12 4.47
C GLY A 189 -8.36 0.42 3.58
N ILE A 190 -7.59 1.23 2.85
CA ILE A 190 -6.46 0.78 2.07
C ILE A 190 -5.22 1.55 2.54
N VAL A 191 -4.13 0.87 2.83
CA VAL A 191 -2.92 1.54 3.24
C VAL A 191 -2.48 2.50 2.16
N SER A 192 -2.27 3.76 2.51
CA SER A 192 -1.98 4.79 1.52
C SER A 192 -0.68 5.56 1.79
N TRP A 193 -0.63 6.43 2.80
CA TRP A 193 0.55 7.27 3.02
C TRP A 193 0.69 7.67 4.47
N GLY A 194 1.78 8.32 4.78
CA GLY A 194 2.00 8.88 6.11
C GLY A 194 3.21 9.77 6.09
N SER A 195 3.69 10.15 7.25
CA SER A 195 4.90 10.95 7.35
C SER A 195 5.88 10.16 8.18
N GLY A 196 6.86 9.54 7.52
CA GLY A 196 7.66 8.54 8.19
C GLY A 196 6.77 7.39 8.59
N CYS A 197 7.27 6.55 9.48
CA CYS A 197 6.52 5.39 9.98
CA CYS A 197 6.51 5.44 9.98
C CYS A 197 6.57 5.37 11.50
N ALA A 198 5.41 5.30 12.11
CA ALA A 198 5.32 5.12 13.56
C ALA A 198 5.94 6.29 14.36
N GLN A 199 5.95 7.47 13.77
CA GLN A 199 6.44 8.66 14.46
CA GLN A 199 6.44 8.66 14.45
C GLN A 199 5.35 9.28 15.32
N LYS A 200 5.77 9.90 16.41
CA LYS A 200 4.84 10.62 17.26
CA LYS A 200 4.84 10.62 17.26
C LYS A 200 4.07 11.66 16.46
N ASN A 201 2.75 11.75 16.70
CA ASN A 201 1.89 12.79 16.13
C ASN A 201 1.63 12.63 14.61
N LYS A 202 2.10 11.52 14.01
CA LYS A 202 2.00 11.30 12.57
CA LYS A 202 2.01 11.30 12.57
C LYS A 202 1.40 9.93 12.28
N PRO A 203 0.10 9.80 12.48
CA PRO A 203 -0.54 8.49 12.25
C PRO A 203 -0.60 8.16 10.76
N GLY A 204 -0.87 6.91 10.42
CA GLY A 204 -1.00 6.55 9.03
C GLY A 204 -2.30 7.06 8.44
N VAL A 205 -2.28 7.29 7.12
CA VAL A 205 -3.43 7.75 6.36
C VAL A 205 -3.83 6.61 5.39
N TYR A 206 -5.15 6.44 5.27
CA TYR A 206 -5.75 5.30 4.60
C TYR A 206 -6.86 5.79 3.67
N THR A 207 -7.03 5.14 2.54
CA THR A 207 -8.17 5.46 1.65
C THR A 207 -9.47 4.97 2.25
N LYS A 208 -10.50 5.82 2.23
CA LYS A 208 -11.75 5.54 2.90
C LYS A 208 -12.68 4.72 1.95
N VAL A 209 -12.59 3.39 2.07
CA VAL A 209 -13.23 2.48 1.14
C VAL A 209 -14.77 2.66 1.10
N CYS A 210 -15.38 3.05 2.20
CA CYS A 210 -16.83 3.14 2.25
C CYS A 210 -17.34 4.14 1.25
N ASN A 211 -16.51 5.11 0.84
CA ASN A 211 -16.92 6.09 -0.15
C ASN A 211 -16.93 5.57 -1.59
N TYR A 212 -16.35 4.40 -1.79
CA TYR A 212 -16.14 3.82 -3.12
C TYR A 212 -16.93 2.56 -3.40
N VAL A 213 -17.81 2.15 -2.49
CA VAL A 213 -18.46 0.86 -2.66
CA VAL A 213 -18.44 0.85 -2.67
C VAL A 213 -19.26 0.77 -3.96
N SER A 214 -20.04 1.79 -4.28
CA SER A 214 -20.81 1.75 -5.53
CA SER A 214 -20.82 1.73 -5.53
CA SER A 214 -20.82 1.76 -5.53
C SER A 214 -19.90 1.70 -6.76
N TRP A 215 -18.84 2.48 -6.73
CA TRP A 215 -17.87 2.49 -7.81
C TRP A 215 -17.18 1.14 -7.95
N ILE A 216 -16.79 0.54 -6.83
CA ILE A 216 -16.13 -0.77 -6.89
C ILE A 216 -17.07 -1.80 -7.52
N LYS A 217 -18.30 -1.88 -7.05
CA LYS A 217 -19.22 -2.91 -7.52
C LYS A 217 -19.50 -2.73 -9.02
N GLN A 218 -19.69 -1.49 -9.45
CA GLN A 218 -20.05 -1.23 -10.84
C GLN A 218 -18.84 -1.44 -11.76
N THR A 219 -17.67 -1.05 -11.32
CA THR A 219 -16.46 -1.23 -12.11
C THR A 219 -16.15 -2.70 -12.29
N ILE A 220 -16.22 -3.46 -11.20
N ILE A 220 -16.23 -3.49 -11.24
CA ILE A 220 -16.02 -4.91 -11.29
CA ILE A 220 -15.90 -4.91 -11.42
C ILE A 220 -16.97 -5.50 -12.32
C ILE A 220 -17.01 -5.66 -12.19
N ALA A 221 -18.25 -5.16 -12.18
CA ALA A 221 -19.29 -5.73 -13.00
C ALA A 221 -19.19 -5.33 -14.47
N SER A 222 -18.54 -4.22 -14.77
CA SER A 222 -18.45 -3.78 -16.16
CA SER A 222 -18.38 -3.69 -16.12
C SER A 222 -17.09 -4.11 -16.80
N ASN A 223 -16.37 -5.05 -16.20
CA ASN A 223 -15.05 -5.45 -16.68
C ASN A 223 -14.82 -6.94 -16.60
N PRO B 2 20.66 24.17 -9.32
CA PRO B 2 20.89 22.93 -8.57
C PRO B 2 20.60 21.71 -9.42
N ASP B 3 21.57 20.81 -9.44
CA ASP B 3 21.48 19.65 -10.29
C ASP B 3 20.64 18.59 -9.59
N PHE B 4 19.53 18.19 -10.20
CA PHE B 4 18.66 17.22 -9.55
C PHE B 4 19.35 15.86 -9.35
N CYS B 5 20.40 15.59 -10.15
CA CYS B 5 21.16 14.35 -10.02
C CYS B 5 21.95 14.27 -8.73
N LEU B 6 22.16 15.41 -8.07
CA LEU B 6 22.93 15.52 -6.83
C LEU B 6 22.07 15.55 -5.58
N GLU B 7 20.76 15.42 -5.75
CA GLU B 7 19.88 15.41 -4.62
C GLU B 7 19.78 14.00 -4.06
N PRO B 8 19.67 13.87 -2.73
CA PRO B 8 19.48 12.54 -2.15
C PRO B 8 18.19 11.90 -2.62
N PRO B 9 18.14 10.57 -2.62
CA PRO B 9 16.94 9.88 -3.08
C PRO B 9 15.78 10.14 -2.14
N TYR B 10 14.59 10.21 -2.71
CA TYR B 10 13.36 10.61 -2.00
C TYR B 10 12.33 9.48 -2.05
N THR B 11 12.11 8.86 -0.89
CA THR B 11 11.14 7.78 -0.77
C THR B 11 9.72 8.33 -0.92
N GLY B 12 9.48 9.46 -0.28
CA GLY B 12 8.15 10.05 -0.31
C GLY B 12 7.23 9.43 0.71
N PRO B 13 5.98 9.92 0.76
CA PRO B 13 5.06 9.58 1.85
C PRO B 13 4.25 8.31 1.62
N CYS B 14 4.15 7.83 0.39
CA CYS B 14 3.36 6.64 0.17
C CYS B 14 4.10 5.41 0.65
N ABA B 15 3.33 4.35 0.91
CA ABA B 15 3.82 3.18 1.61
C ABA B 15 4.09 1.95 0.70
O ABA B 15 4.01 0.78 1.19
CB ABA B 15 2.91 2.86 2.81
CG ABA B 15 3.04 3.88 3.88
H ABA B 15 2.51 4.26 0.70
HA ABA B 15 4.69 3.43 1.99
HB3 ABA B 15 3.16 1.98 3.17
HB2 ABA B 15 1.98 2.83 2.50
HG1 ABA B 15 2.44 3.66 4.62
HG3 ABA B 15 2.81 4.76 3.53
HG2 ABA B 15 3.97 3.89 4.21
N ALA B 16 4.45 2.16 -0.56
CA ALA B 16 4.89 1.04 -1.38
C ALA B 16 6.35 0.72 -1.10
N ARG B 17 6.80 -0.42 -1.61
CA ARG B 17 8.23 -0.74 -1.56
C ARG B 17 8.68 -1.04 -3.00
N ILE B 18 8.85 0.02 -3.78
CA ILE B 18 9.16 -0.06 -5.21
C ILE B 18 10.64 0.27 -5.38
N ILE B 19 11.39 -0.63 -6.02
CA ILE B 19 12.82 -0.39 -6.18
CA ILE B 19 12.82 -0.40 -6.22
C ILE B 19 13.04 0.51 -7.41
N ARG B 20 13.71 1.63 -7.15
CA ARG B 20 14.08 2.60 -8.20
C ARG B 20 15.58 2.84 -8.13
N TYR B 21 16.09 3.54 -9.12
CA TYR B 21 17.49 3.93 -9.18
C TYR B 21 17.65 5.42 -8.94
N PHE B 22 18.78 5.79 -8.32
CA PHE B 22 19.16 7.18 -8.19
C PHE B 22 20.65 7.27 -8.47
N TYR B 23 21.08 8.43 -8.92
CA TYR B 23 22.49 8.68 -9.10
C TYR B 23 23.09 9.09 -7.76
N ASN B 24 24.10 8.35 -7.34
CA ASN B 24 24.83 8.64 -6.11
C ASN B 24 26.15 9.30 -6.49
N ALA B 25 26.18 10.62 -6.41
CA ALA B 25 27.35 11.36 -6.86
C ALA B 25 28.58 11.08 -5.99
N LYS B 26 28.39 10.72 -4.72
CA LYS B 26 29.53 10.41 -3.86
C LYS B 26 30.25 9.16 -4.36
N ALA B 27 29.51 8.18 -4.83
CA ALA B 27 30.02 6.91 -5.34
C ALA B 27 30.28 6.91 -6.85
N GLY B 28 29.71 7.87 -7.55
CA GLY B 28 29.85 7.90 -8.98
C GLY B 28 29.13 6.76 -9.67
N LEU B 29 27.97 6.37 -9.16
CA LEU B 29 27.19 5.37 -9.86
C LEU B 29 25.74 5.42 -9.48
N CYS B 30 24.95 4.80 -10.34
CA CYS B 30 23.54 4.66 -10.11
C CYS B 30 23.32 3.51 -9.15
N GLN B 31 22.48 3.76 -8.15
CA GLN B 31 22.25 2.83 -7.05
C GLN B 31 20.74 2.63 -6.85
N THR B 32 20.36 1.56 -6.18
CA THR B 32 18.95 1.32 -5.92
C THR B 32 18.51 1.94 -4.58
N PHE B 33 17.21 2.24 -4.46
CA PHE B 33 16.61 2.73 -3.24
C PHE B 33 15.14 2.36 -3.28
N VAL B 34 14.48 2.53 -2.15
CA VAL B 34 13.05 2.29 -2.03
C VAL B 34 12.24 3.55 -2.24
N TYR B 35 11.38 3.51 -3.25
CA TYR B 35 10.44 4.56 -3.56
C TYR B 35 9.06 4.15 -3.05
N GLY B 36 8.36 5.04 -2.37
CA GLY B 36 7.08 4.72 -1.79
C GLY B 36 5.90 4.77 -2.73
N GLY B 37 6.11 5.22 -3.97
CA GLY B 37 5.09 5.18 -4.99
C GLY B 37 4.43 6.47 -5.40
N CYS B 38 4.66 7.56 -4.66
CA CYS B 38 4.15 8.84 -5.05
C CYS B 38 5.10 9.99 -4.74
N ARG B 39 4.89 11.07 -5.48
CA ARG B 39 5.59 12.33 -5.25
CA ARG B 39 5.59 12.34 -5.30
C ARG B 39 7.10 12.22 -5.55
N ALA B 40 7.43 11.41 -6.53
CA ALA B 40 8.82 11.25 -6.95
C ALA B 40 9.48 12.58 -7.27
N LYS B 41 10.74 12.70 -6.86
CA LYS B 41 11.63 13.72 -7.35
CA LYS B 41 11.62 13.73 -7.37
C LYS B 41 12.33 13.19 -8.61
N ARG B 42 13.15 14.02 -9.26
CA ARG B 42 13.67 13.63 -10.57
C ARG B 42 14.82 12.61 -10.51
N ASN B 43 15.55 12.52 -9.40
CA ASN B 43 16.63 11.54 -9.26
C ASN B 43 16.02 10.20 -8.85
N ASN B 44 15.25 9.64 -9.79
CA ASN B 44 14.41 8.48 -9.54
C ASN B 44 14.11 7.89 -10.91
N PHE B 45 14.69 6.73 -11.18
CA PHE B 45 14.64 6.09 -12.49
C PHE B 45 14.17 4.67 -12.39
N LYS B 46 13.53 4.22 -13.46
CA LYS B 46 12.99 2.85 -13.49
C LYS B 46 14.04 1.81 -13.89
N SER B 47 15.21 2.24 -14.37
CA SER B 47 16.28 1.30 -14.72
C SER B 47 17.61 1.97 -14.48
N ALA B 48 18.65 1.17 -14.37
CA ALA B 48 19.99 1.68 -14.26
C ALA B 48 20.38 2.41 -15.56
N GLU B 49 19.95 1.89 -16.72
CA GLU B 49 20.27 2.52 -17.99
CA GLU B 49 20.27 2.51 -18.01
C GLU B 49 19.70 3.94 -18.07
N ASP B 50 18.46 4.12 -17.65
CA ASP B 50 17.86 5.45 -17.68
C ASP B 50 18.63 6.41 -16.77
N CYS B 51 18.98 5.92 -15.58
CA CYS B 51 19.72 6.73 -14.63
C CYS B 51 21.09 7.14 -15.18
N MET B 52 21.81 6.18 -15.77
CA MET B 52 23.12 6.47 -16.32
CA MET B 52 23.13 6.49 -16.28
C MET B 52 23.05 7.47 -17.46
N ARG B 53 22.04 7.30 -18.30
CA ARG B 53 21.86 8.19 -19.45
C ARG B 53 21.62 9.63 -19.00
N THR B 54 20.78 9.80 -17.97
CA THR B 54 20.38 11.13 -17.53
C THR B 54 21.40 11.81 -16.62
N CYS B 55 22.01 11.03 -15.73
CA CYS B 55 22.83 11.58 -14.64
C CYS B 55 24.28 11.13 -14.64
N GLY B 56 24.65 10.14 -15.45
CA GLY B 56 26.02 9.63 -15.40
C GLY B 56 27.06 10.73 -15.49
N GLY B 57 28.05 10.68 -14.60
CA GLY B 57 29.09 11.71 -14.55
C GLY B 57 28.69 13.06 -13.98
N ALA B 58 27.54 13.15 -13.33
CA ALA B 58 27.19 14.38 -12.65
C ALA B 58 28.11 14.53 -11.45
S SO4 C . 4.73 0.85 -15.68
O1 SO4 C . 4.85 -0.38 -14.91
O2 SO4 C . 6.07 1.46 -15.87
O3 SO4 C . 4.04 0.56 -16.93
O4 SO4 C . 3.96 1.77 -14.82
S SO4 D . -10.85 -10.25 -20.01
O1 SO4 D . -9.57 -10.59 -19.41
O2 SO4 D . -11.47 -11.50 -20.44
O3 SO4 D . -10.72 -9.39 -21.16
O4 SO4 D . -11.69 -9.61 -19.01
S SO4 E . 10.08 -12.80 10.25
O1 SO4 E . 11.41 -12.31 9.91
O2 SO4 E . 10.14 -14.24 10.50
O3 SO4 E . 9.20 -12.55 9.13
O4 SO4 E . 9.61 -12.09 11.45
S SO4 F . -8.71 16.16 -6.45
O1 SO4 F . -8.14 16.42 -7.77
O2 SO4 F . -7.68 16.28 -5.39
O3 SO4 F . -9.78 17.13 -6.19
O4 SO4 F . -9.29 14.83 -6.50
S SO4 G . -7.46 21.58 7.04
O1 SO4 G . -7.96 20.40 6.31
O2 SO4 G . -6.18 21.26 7.63
O3 SO4 G . -7.31 22.71 6.14
O4 SO4 G . -8.40 21.92 8.10
S SO4 H . -14.00 14.38 -3.75
O1 SO4 H . -14.50 13.00 -3.68
O2 SO4 H . -12.77 14.58 -3.00
O3 SO4 H . -15.03 15.28 -3.24
O4 SO4 H . -13.76 14.69 -5.16
S SO4 I . -12.23 17.67 0.59
O1 SO4 I . -12.37 16.34 -0.02
O2 SO4 I . -10.80 17.98 0.76
O3 SO4 I . -12.80 18.66 -0.32
O4 SO4 I . -12.90 17.70 1.89
CA CA J . 5.33 -18.47 0.27
C1 GOL K . -5.35 -11.31 14.44
O1 GOL K . -4.44 -11.61 15.45
C2 GOL K . -5.55 -12.56 13.63
O2 GOL K . -6.31 -12.31 12.47
C3 GOL K . -4.18 -13.06 13.23
O3 GOL K . -3.56 -13.68 14.34
H11 GOL K . -4.96 -10.50 13.80
H12 GOL K . -6.30 -10.98 14.87
HO1 GOL K . -4.23 -10.79 15.96
H2 GOL K . -6.04 -13.32 14.25
HO2 GOL K . -5.86 -11.64 11.92
H31 GOL K . -3.57 -12.22 12.88
H32 GOL K . -4.25 -13.77 12.41
HO3 GOL K . -2.79 -14.19 14.03
C1 GOL L . -18.22 -8.86 -5.68
O1 GOL L . -18.17 -10.25 -5.57
C2 GOL L . -18.23 -8.29 -4.27
O2 GOL L . -19.00 -9.12 -3.44
C3 GOL L . -18.71 -6.86 -4.25
O3 GOL L . -19.32 -6.57 -5.48
H11 GOL L . -19.14 -8.55 -6.21
H12 GOL L . -17.37 -8.49 -6.23
HO1 GOL L . -18.24 -10.65 -6.45
H2 GOL L . -17.19 -8.31 -3.92
HO2 GOL L . -18.96 -8.79 -2.52
H31 GOL L . -17.87 -6.18 -4.09
H32 GOL L . -19.42 -6.72 -3.43
HO3 GOL L . -20.28 -6.78 -5.43
S SO4 M . 13.98 17.76 -7.74
O1 SO4 M . 13.60 16.86 -8.84
O2 SO4 M . 14.95 17.14 -6.85
O3 SO4 M . 14.59 18.95 -8.32
O4 SO4 M . 12.83 18.12 -6.91
S SO4 N . 6.07 7.49 -10.46
O1 SO4 N . 5.83 6.05 -10.55
O2 SO4 N . 7.52 7.64 -10.33
O3 SO4 N . 5.59 8.14 -11.67
O4 SO4 N . 5.38 8.03 -9.29
S SO4 O . 12.30 10.38 2.44
O1 SO4 O . 13.34 9.85 1.50
O2 SO4 O . 12.14 9.38 3.52
O3 SO4 O . 12.69 11.69 2.98
O4 SO4 O . 10.95 10.56 1.90
#